data_3EAD
#
_entry.id   3EAD
#
_cell.length_a   59.372
_cell.length_b   73.722
_cell.length_c   129.713
_cell.angle_alpha   90.00
_cell.angle_beta   90.00
_cell.angle_gamma   90.00
#
_symmetry.space_group_name_H-M   'P 21 21 21'
#
loop_
_entity.id
_entity.type
_entity.pdbx_description
1 polymer 'Na/Ca exchange protein'
2 non-polymer 'CALCIUM ION'
3 non-polymer GLYCEROL
4 water water
#
_entity_poly.entity_id   1
_entity_poly.type   'polypeptide(L)'
_entity_poly.pdbx_seq_one_letter_code
;ADDPIRMYFEPGHYTVMENCGEFEVRVVRRGDISTYASVEYETQDGTASAGTDFVGRKGLLSFPPGVDEQRFRIEVIDDD
VFEEDECFYIRLFNPSEGVKLAVPMIATVMILDDDHAGIFAFTDSVFEITESVGRFE
;
_entity_poly.pdbx_strand_id   A,B,C,D
#
# COMPACT_ATOMS: atom_id res chain seq x y z
N ILE A 5 21.68 5.30 -7.59
CA ILE A 5 21.42 3.86 -7.18
C ILE A 5 20.16 3.63 -6.32
N ARG A 6 19.29 2.77 -6.82
CA ARG A 6 18.05 2.46 -6.16
C ARG A 6 18.03 0.99 -5.86
N MET A 7 17.42 0.60 -4.73
CA MET A 7 17.32 -0.82 -4.33
C MET A 7 15.91 -1.13 -3.81
N TYR A 8 15.34 -2.29 -4.20
CA TYR A 8 14.00 -2.64 -3.71
C TYR A 8 13.83 -4.14 -3.81
N PHE A 9 12.77 -4.68 -3.20
CA PHE A 9 12.41 -6.13 -3.33
C PHE A 9 11.77 -6.32 -4.73
N GLU A 10 12.18 -7.38 -5.44
CA GLU A 10 11.43 -7.81 -6.60
C GLU A 10 11.56 -9.34 -6.74
N PRO A 11 10.49 -10.15 -6.49
CA PRO A 11 9.15 -9.88 -5.98
C PRO A 11 9.12 -9.16 -4.63
N GLY A 12 8.11 -8.32 -4.48
CA GLY A 12 7.81 -7.67 -3.24
C GLY A 12 6.80 -8.45 -2.43
N HIS A 13 6.04 -9.33 -3.07
CA HIS A 13 5.13 -10.19 -2.33
C HIS A 13 5.46 -11.65 -2.55
N TYR A 14 5.34 -12.42 -1.50
CA TYR A 14 5.70 -13.83 -1.56
C TYR A 14 4.57 -14.65 -0.97
N THR A 15 3.98 -15.54 -1.76
CA THR A 15 2.95 -16.41 -1.23
C THR A 15 3.50 -17.83 -1.08
N VAL A 16 3.61 -18.28 0.15
CA VAL A 16 4.36 -19.50 0.44
C VAL A 16 3.51 -20.56 1.18
N MET A 17 3.84 -21.84 1.00
CA MET A 17 3.20 -22.99 1.69
C MET A 17 3.91 -23.37 3.00
N GLU A 18 3.15 -23.63 4.05
CA GLU A 18 3.75 -24.04 5.32
C GLU A 18 4.72 -25.26 5.20
N ASN A 19 4.45 -26.16 4.26
CA ASN A 19 5.34 -27.33 4.05
C ASN A 19 6.58 -27.06 3.16
N CYS A 20 6.66 -25.85 2.60
CA CYS A 20 7.64 -25.52 1.58
C CYS A 20 9.10 -25.50 2.03
N GLY A 21 9.35 -25.49 3.35
CA GLY A 21 10.73 -25.52 3.89
C GLY A 21 11.54 -24.23 3.71
N GLU A 22 11.75 -23.83 2.45
CA GLU A 22 12.54 -22.67 2.13
C GLU A 22 12.03 -21.97 0.88
N PHE A 23 12.12 -20.63 0.87
CA PHE A 23 11.82 -19.80 -0.35
C PHE A 23 12.84 -18.66 -0.57
N GLU A 24 13.04 -18.33 -1.83
CA GLU A 24 14.10 -17.44 -2.23
C GLU A 24 13.44 -16.09 -2.24
N VAL A 25 14.11 -15.11 -1.67
CA VAL A 25 13.69 -13.68 -1.72
C VAL A 25 14.74 -12.90 -2.57
N ARG A 26 14.33 -11.83 -3.30
CA ARG A 26 15.17 -11.27 -4.33
C ARG A 26 15.10 -9.77 -4.21
N VAL A 27 16.30 -9.15 -4.24
CA VAL A 27 16.48 -7.68 -4.08
C VAL A 27 17.31 -7.28 -5.27
N VAL A 28 17.01 -6.12 -5.81
CA VAL A 28 17.44 -5.71 -7.13
C VAL A 28 18.13 -4.37 -6.94
N ARG A 29 19.11 -4.06 -7.77
CA ARG A 29 19.86 -2.81 -7.68
C ARG A 29 19.79 -2.18 -9.07
N ARG A 30 19.43 -0.90 -9.12
CA ARG A 30 19.20 -0.18 -10.37
C ARG A 30 19.93 1.16 -10.33
N GLY A 31 20.33 1.65 -11.49
CA GLY A 31 21.18 2.85 -11.61
C GLY A 31 22.62 2.44 -11.83
N ASP A 32 23.56 3.08 -11.15
CA ASP A 32 24.96 2.76 -11.36
C ASP A 32 25.29 1.39 -10.86
N ILE A 33 25.82 0.56 -11.74
CA ILE A 33 26.07 -0.82 -11.43
C ILE A 33 27.52 -1.06 -11.17
N SER A 34 28.32 -0.01 -11.26
CA SER A 34 29.73 -0.14 -11.44
C SER A 34 30.51 -0.05 -10.18
N THR A 35 29.82 0.15 -9.07
CA THR A 35 30.49 0.34 -7.82
C THR A 35 29.96 -0.68 -6.86
N TYR A 36 30.73 -1.06 -5.86
CA TYR A 36 30.21 -2.00 -4.88
C TYR A 36 29.09 -1.36 -4.04
N ALA A 37 28.04 -2.13 -3.75
CA ALA A 37 26.95 -1.66 -2.91
C ALA A 37 26.46 -2.75 -1.98
N SER A 38 25.82 -2.36 -0.88
CA SER A 38 25.21 -3.35 0.02
C SER A 38 23.97 -2.81 0.70
N VAL A 39 23.15 -3.73 1.19
CA VAL A 39 21.96 -3.41 1.97
C VAL A 39 21.74 -4.56 2.93
N GLU A 40 21.30 -4.20 4.14
CA GLU A 40 20.93 -5.12 5.20
C GLU A 40 19.43 -5.40 5.10
N TYR A 41 19.07 -6.61 5.46
CA TYR A 41 17.68 -7.04 5.48
C TYR A 41 17.44 -7.68 6.86
N GLU A 42 16.20 -7.65 7.34
CA GLU A 42 15.88 -8.41 8.54
C GLU A 42 14.43 -8.76 8.46
N THR A 43 14.13 -10.02 8.77
CA THR A 43 12.77 -10.45 8.93
C THR A 43 12.14 -9.67 10.09
N GLN A 44 10.82 -9.52 10.01
CA GLN A 44 10.03 -8.85 11.03
C GLN A 44 8.74 -9.62 11.26
N ASP A 45 8.37 -9.82 12.53
CA ASP A 45 7.12 -10.48 12.88
C ASP A 45 5.88 -9.76 12.31
N GLY A 46 4.91 -10.56 11.87
CA GLY A 46 3.58 -10.08 11.46
C GLY A 46 2.54 -10.86 12.25
N THR A 47 1.54 -11.43 11.56
CA THR A 47 0.64 -12.38 12.20
C THR A 47 1.33 -13.74 12.29
N ALA A 48 2.44 -13.89 11.56
CA ALA A 48 3.31 -15.05 11.64
C ALA A 48 4.48 -14.72 12.58
N SER A 49 5.01 -15.72 13.28
CA SER A 49 6.01 -15.47 14.32
C SER A 49 7.36 -16.11 14.06
N ALA A 50 8.43 -15.35 14.28
CA ALA A 50 9.79 -15.89 14.23
C ALA A 50 9.91 -16.93 15.33
N GLY A 51 10.37 -18.12 14.98
CA GLY A 51 10.52 -19.18 15.95
C GLY A 51 9.41 -20.21 15.81
N THR A 52 8.24 -19.79 15.35
CA THR A 52 7.10 -20.73 15.29
C THR A 52 6.49 -20.90 13.86
N ASP A 53 6.63 -19.87 13.02
CA ASP A 53 6.12 -19.88 11.64
C ASP A 53 7.24 -19.72 10.61
N PHE A 54 8.30 -19.04 11.02
CA PHE A 54 9.48 -18.94 10.19
C PHE A 54 10.66 -18.72 11.08
N VAL A 55 11.85 -18.91 10.53
CA VAL A 55 13.05 -18.69 11.33
C VAL A 55 13.62 -17.32 10.96
N GLY A 56 13.74 -16.44 11.95
CA GLY A 56 14.21 -15.06 11.77
C GLY A 56 15.58 -15.00 11.14
N ARG A 57 15.79 -14.02 10.27
CA ARG A 57 17.08 -13.87 9.67
C ARG A 57 17.37 -12.44 9.44
N LYS A 58 18.62 -12.09 9.73
CA LYS A 58 19.15 -10.78 9.44
C LYS A 58 20.36 -11.01 8.53
N GLY A 59 20.59 -10.12 7.57
CA GLY A 59 21.77 -10.30 6.79
C GLY A 59 22.23 -9.09 6.04
N LEU A 60 23.42 -9.21 5.46
CA LEU A 60 23.98 -8.25 4.54
C LEU A 60 23.97 -8.77 3.12
N LEU A 61 23.40 -7.99 2.22
CA LEU A 61 23.39 -8.35 0.82
C LEU A 61 24.43 -7.49 0.13
N SER A 62 25.46 -8.15 -0.44
CA SER A 62 26.51 -7.45 -1.15
C SER A 62 26.37 -7.58 -2.65
N PHE A 63 26.42 -6.46 -3.33
CA PHE A 63 26.41 -6.40 -4.79
C PHE A 63 27.80 -5.91 -5.26
N PRO A 64 28.62 -6.83 -5.81
CA PRO A 64 29.87 -6.37 -6.41
C PRO A 64 29.62 -5.52 -7.66
N PRO A 65 30.61 -4.72 -8.11
CA PRO A 65 30.35 -4.04 -9.37
C PRO A 65 29.99 -5.03 -10.49
N GLY A 66 28.92 -4.72 -11.22
CA GLY A 66 28.50 -5.59 -12.31
C GLY A 66 27.28 -6.44 -11.98
N VAL A 67 26.97 -6.60 -10.70
CA VAL A 67 25.81 -7.42 -10.35
C VAL A 67 24.64 -6.53 -9.90
N ASP A 68 23.45 -6.87 -10.39
CA ASP A 68 22.28 -6.06 -10.18
C ASP A 68 21.18 -6.76 -9.43
N GLU A 69 21.40 -7.98 -9.00
CA GLU A 69 20.44 -8.62 -8.11
C GLU A 69 21.12 -9.54 -7.11
N GLN A 70 20.44 -9.74 -5.99
CA GLN A 70 20.87 -10.67 -4.97
C GLN A 70 19.71 -11.53 -4.49
N ARG A 71 19.91 -12.82 -4.34
CA ARG A 71 18.81 -13.59 -3.80
C ARG A 71 19.19 -14.20 -2.49
N PHE A 72 18.20 -14.50 -1.65
CA PHE A 72 18.44 -15.13 -0.36
C PHE A 72 17.22 -15.95 0.02
N ARG A 73 17.44 -17.18 0.54
CA ARG A 73 16.35 -18.04 1.05
C ARG A 73 15.96 -17.80 2.53
N ILE A 74 14.67 -17.98 2.85
CA ILE A 74 14.12 -17.83 4.21
C ILE A 74 13.42 -19.14 4.56
N GLU A 75 13.68 -19.75 5.74
CA GLU A 75 12.99 -21.01 6.06
C GLU A 75 11.67 -20.84 6.76
N VAL A 76 10.68 -21.56 6.25
CA VAL A 76 9.34 -21.62 6.82
C VAL A 76 9.30 -22.85 7.72
N ILE A 77 8.68 -22.69 8.88
CA ILE A 77 8.60 -23.77 9.87
C ILE A 77 7.28 -24.56 9.70
N ASP A 78 7.38 -25.82 9.33
CA ASP A 78 6.16 -26.64 9.18
C ASP A 78 5.63 -27.12 10.53
N ASP A 79 4.38 -27.58 10.59
CA ASP A 79 3.85 -28.30 11.79
C ASP A 79 2.49 -28.98 11.56
N ASP A 80 2.00 -29.70 12.58
CA ASP A 80 0.64 -30.28 12.49
C ASP A 80 -0.36 -29.65 13.47
N VAL A 81 -0.74 -28.41 13.12
CA VAL A 81 -1.53 -27.50 13.94
C VAL A 81 -2.19 -26.52 12.96
N PHE A 82 -3.52 -26.50 12.90
CA PHE A 82 -4.24 -25.67 11.93
C PHE A 82 -4.16 -24.17 12.25
N GLU A 83 -3.96 -23.37 11.19
CA GLU A 83 -3.97 -21.90 11.25
C GLU A 83 -4.61 -21.35 9.98
N GLU A 84 -4.93 -20.05 9.97
CA GLU A 84 -5.35 -19.41 8.72
C GLU A 84 -4.19 -18.57 8.19
N ASP A 85 -4.41 -17.91 7.05
CA ASP A 85 -3.36 -17.12 6.39
C ASP A 85 -2.68 -16.17 7.40
N GLU A 86 -1.34 -16.09 7.32
CA GLU A 86 -0.50 -15.18 8.16
C GLU A 86 0.65 -14.56 7.39
N CYS A 87 1.05 -13.36 7.77
CA CYS A 87 2.09 -12.57 7.08
C CYS A 87 3.28 -12.35 7.99
N PHE A 88 4.47 -12.22 7.42
CA PHE A 88 5.54 -11.54 8.11
C PHE A 88 6.21 -10.65 7.07
N TYR A 89 7.15 -9.83 7.49
CA TYR A 89 7.72 -8.86 6.57
C TYR A 89 9.21 -8.99 6.59
N ILE A 90 9.83 -8.87 5.45
CA ILE A 90 11.25 -8.64 5.42
C ILE A 90 11.48 -7.16 5.04
N ARG A 91 12.31 -6.48 5.80
CA ARG A 91 12.54 -5.05 5.68
C ARG A 91 13.99 -4.75 5.21
N LEU A 92 14.18 -3.73 4.37
CA LEU A 92 15.54 -3.36 3.98
C LEU A 92 15.99 -2.18 4.72
N PHE A 93 17.30 -2.11 4.90
CA PHE A 93 17.83 -0.99 5.65
C PHE A 93 19.35 -0.93 5.64
N ASN A 94 19.86 0.18 6.15
CA ASN A 94 21.28 0.51 6.04
C ASN A 94 21.86 0.27 4.65
N PRO A 95 21.22 0.86 3.60
CA PRO A 95 21.82 0.86 2.28
C PRO A 95 23.16 1.64 2.31
N SER A 96 24.16 1.18 1.56
CA SER A 96 25.47 1.83 1.55
C SER A 96 25.37 3.24 0.94
N GLU A 97 26.43 4.03 1.11
CA GLU A 97 26.41 5.44 0.79
C GLU A 97 25.62 5.83 -0.48
N GLY A 98 26.01 5.38 -1.66
CA GLY A 98 25.27 5.83 -2.87
C GLY A 98 23.76 5.52 -2.96
N VAL A 99 23.27 4.59 -2.14
CA VAL A 99 21.95 3.97 -2.30
C VAL A 99 20.73 4.70 -1.68
N LYS A 100 19.64 4.73 -2.44
CA LYS A 100 18.33 5.14 -1.94
C LYS A 100 17.30 4.03 -2.17
N LEU A 101 16.58 3.65 -1.13
CA LEU A 101 15.62 2.58 -1.36
C LEU A 101 14.42 3.11 -2.12
N ALA A 102 13.80 2.19 -2.84
CA ALA A 102 12.52 2.44 -3.48
C ALA A 102 11.51 1.43 -3.01
N VAL A 103 10.28 1.74 -3.34
CA VAL A 103 9.20 0.85 -3.06
C VAL A 103 9.33 -0.38 -4.01
N PRO A 104 9.17 -1.64 -3.50
CA PRO A 104 8.99 -2.11 -2.14
C PRO A 104 10.34 -2.20 -1.42
N MET A 105 10.36 -1.88 -0.16
CA MET A 105 11.61 -1.69 0.52
C MET A 105 11.27 -2.37 1.84
N ILE A 106 10.04 -2.89 1.95
CA ILE A 106 9.61 -4.02 2.88
C ILE A 106 8.89 -5.11 2.07
N ALA A 107 9.34 -6.38 2.07
CA ALA A 107 8.61 -7.41 1.34
C ALA A 107 7.52 -8.02 2.20
N THR A 108 6.46 -8.54 1.60
CA THR A 108 5.38 -9.13 2.41
C THR A 108 5.36 -10.61 2.06
N VAL A 109 5.26 -11.49 3.07
CA VAL A 109 5.20 -12.96 2.89
C VAL A 109 3.94 -13.51 3.53
N MET A 110 3.03 -14.08 2.73
CA MET A 110 1.91 -14.81 3.28
C MET A 110 2.20 -16.32 3.31
N ILE A 111 2.15 -16.91 4.50
CA ILE A 111 2.21 -18.36 4.68
C ILE A 111 0.80 -18.97 4.62
N LEU A 112 0.50 -19.63 3.51
CA LEU A 112 -0.74 -20.42 3.40
C LEU A 112 -0.62 -21.75 4.14
N ASP A 113 -1.56 -22.01 5.04
CA ASP A 113 -1.59 -23.24 5.82
C ASP A 113 -2.07 -24.41 4.96
N ASP A 114 -1.83 -25.61 5.44
CA ASP A 114 -2.08 -26.82 4.68
C ASP A 114 -2.84 -27.85 5.52
N ASP A 115 -2.64 -27.79 6.85
CA ASP A 115 -3.16 -28.76 7.81
C ASP A 115 -4.72 -28.77 7.78
N PRO B 4 -13.71 -20.96 -4.56
CA PRO B 4 -14.42 -19.69 -4.71
C PRO B 4 -13.82 -18.85 -5.83
N ILE B 5 -14.42 -18.92 -7.02
CA ILE B 5 -13.83 -18.35 -8.25
C ILE B 5 -13.43 -16.87 -8.17
N ARG B 6 -12.18 -16.57 -8.51
CA ARG B 6 -11.72 -15.19 -8.46
C ARG B 6 -10.48 -14.83 -9.24
N MET B 7 -10.33 -13.53 -9.44
CA MET B 7 -9.22 -12.96 -10.18
C MET B 7 -8.55 -11.88 -9.40
N TYR B 8 -7.23 -11.83 -9.49
CA TYR B 8 -6.44 -10.72 -8.95
C TYR B 8 -5.09 -10.55 -9.65
N PHE B 9 -4.44 -9.42 -9.40
CA PHE B 9 -3.09 -9.16 -9.88
C PHE B 9 -2.12 -9.93 -9.05
N GLU B 10 -1.16 -10.54 -9.73
CA GLU B 10 -0.04 -11.22 -9.06
C GLU B 10 1.12 -11.20 -10.03
N PRO B 11 2.11 -10.33 -9.81
CA PRO B 11 2.22 -9.35 -8.72
C PRO B 11 1.12 -8.30 -8.76
N GLY B 12 0.92 -7.66 -7.61
CA GLY B 12 0.03 -6.52 -7.47
C GLY B 12 0.77 -5.20 -7.56
N HIS B 13 2.08 -5.26 -7.43
CA HIS B 13 2.93 -4.09 -7.51
C HIS B 13 4.09 -4.28 -8.45
N TYR B 14 4.34 -3.25 -9.23
CA TYR B 14 5.40 -3.21 -10.22
C TYR B 14 6.24 -1.97 -10.02
N THR B 15 7.51 -2.17 -9.80
CA THR B 15 8.40 -1.02 -9.89
C THR B 15 9.33 -1.18 -11.06
N VAL B 16 9.49 -0.07 -11.77
CA VAL B 16 9.83 -0.07 -13.17
C VAL B 16 10.76 1.13 -13.42
N MET B 17 11.89 0.91 -14.07
CA MET B 17 12.78 2.01 -14.48
C MET B 17 12.17 2.66 -15.70
N GLU B 18 12.27 3.99 -15.80
CA GLU B 18 11.67 4.75 -16.89
C GLU B 18 12.13 4.33 -18.30
N ASN B 19 13.38 3.99 -18.42
CA ASN B 19 13.90 3.58 -19.71
C ASN B 19 13.61 2.12 -20.02
N CYS B 20 12.67 1.50 -19.28
CA CYS B 20 12.32 0.09 -19.48
C CYS B 20 11.65 -0.21 -20.83
N GLY B 21 11.08 0.81 -21.47
CA GLY B 21 10.36 0.57 -22.72
C GLY B 21 9.01 -0.02 -22.42
N GLU B 22 8.99 -1.26 -21.90
CA GLU B 22 7.74 -1.86 -21.42
C GLU B 22 7.90 -3.00 -20.41
N PHE B 23 6.84 -3.30 -19.68
CA PHE B 23 6.88 -4.29 -18.63
C PHE B 23 5.56 -5.08 -18.64
N GLU B 24 5.60 -6.24 -18.01
CA GLU B 24 4.51 -7.18 -18.12
C GLU B 24 3.79 -7.29 -16.80
N VAL B 25 2.48 -7.39 -16.90
CA VAL B 25 1.57 -7.38 -15.77
C VAL B 25 0.82 -8.69 -15.93
N ARG B 26 0.42 -9.26 -14.80
CA ARG B 26 -0.07 -10.63 -14.72
C ARG B 26 -1.27 -10.61 -13.81
N VAL B 27 -2.34 -11.23 -14.29
CA VAL B 27 -3.57 -11.35 -13.54
C VAL B 27 -3.79 -12.84 -13.34
N VAL B 28 -4.31 -13.23 -12.20
CA VAL B 28 -4.46 -14.64 -11.86
C VAL B 28 -5.90 -14.98 -11.46
N ARG B 29 -6.27 -16.22 -11.72
CA ARG B 29 -7.62 -16.76 -11.59
C ARG B 29 -7.46 -17.91 -10.59
N ARG B 30 -8.12 -17.81 -9.46
CA ARG B 30 -8.10 -18.85 -8.46
C ARG B 30 -9.47 -19.49 -8.34
N GLY B 31 -9.53 -20.68 -7.76
CA GLY B 31 -10.75 -21.44 -7.72
C GLY B 31 -10.77 -22.34 -8.91
N ASP B 32 -11.92 -22.85 -9.30
CA ASP B 32 -11.99 -23.77 -10.42
C ASP B 32 -11.88 -23.12 -11.79
N ILE B 33 -11.05 -23.66 -12.66
CA ILE B 33 -10.61 -22.99 -13.87
C ILE B 33 -10.95 -23.77 -15.11
N SER B 34 -11.80 -24.73 -14.85
CA SER B 34 -12.65 -25.48 -15.71
C SER B 34 -13.32 -24.70 -16.84
N THR B 35 -13.60 -23.43 -16.62
CA THR B 35 -14.38 -22.66 -17.56
C THR B 35 -13.66 -21.49 -18.12
N TYR B 36 -14.19 -20.96 -19.19
CA TYR B 36 -13.70 -19.75 -19.74
C TYR B 36 -14.12 -18.64 -18.83
N ALA B 37 -13.24 -17.69 -18.64
CA ALA B 37 -13.49 -16.52 -17.84
C ALA B 37 -12.77 -15.33 -18.47
N SER B 38 -13.22 -14.13 -18.14
CA SER B 38 -12.61 -12.93 -18.69
C SER B 38 -12.75 -11.75 -17.72
N VAL B 39 -11.87 -10.77 -17.83
CA VAL B 39 -11.93 -9.55 -17.07
C VAL B 39 -11.34 -8.46 -17.94
N GLU B 40 -11.81 -7.22 -17.76
CA GLU B 40 -11.19 -6.11 -18.46
C GLU B 40 -10.27 -5.40 -17.49
N TYR B 41 -9.35 -4.60 -18.02
CA TYR B 41 -8.48 -3.75 -17.19
C TYR B 41 -8.34 -2.40 -17.91
N GLU B 42 -7.92 -1.40 -17.15
CA GLU B 42 -7.61 -0.08 -17.67
C GLU B 42 -6.53 0.58 -16.79
N THR B 43 -5.54 1.18 -17.46
CA THR B 43 -4.59 2.04 -16.76
C THR B 43 -5.34 3.26 -16.25
N GLN B 44 -4.85 3.89 -15.18
CA GLN B 44 -5.36 5.20 -14.75
C GLN B 44 -4.21 6.00 -14.23
N ASP B 45 -4.31 7.33 -14.35
CA ASP B 45 -3.24 8.22 -13.95
C ASP B 45 -3.10 8.25 -12.45
N GLY B 46 -1.90 8.53 -11.98
CA GLY B 46 -1.66 8.76 -10.56
C GLY B 46 -0.93 10.07 -10.52
N THR B 47 0.35 10.07 -10.12
CA THR B 47 1.16 11.29 -10.22
C THR B 47 1.90 11.23 -11.54
N ALA B 48 1.95 10.02 -12.12
CA ALA B 48 2.36 9.77 -13.49
C ALA B 48 1.14 9.81 -14.43
N SER B 49 1.34 10.27 -15.66
CA SER B 49 0.22 10.45 -16.56
C SER B 49 0.31 9.72 -17.90
N ALA B 50 -0.85 9.26 -18.37
CA ALA B 50 -0.95 8.67 -19.69
C ALA B 50 -0.53 9.77 -20.62
N GLY B 51 0.30 9.41 -21.60
CA GLY B 51 0.76 10.35 -22.61
C GLY B 51 2.12 10.98 -22.35
N THR B 52 2.49 11.12 -21.08
CA THR B 52 3.83 11.63 -20.73
C THR B 52 4.71 10.64 -19.92
N ASP B 53 4.10 9.72 -19.21
CA ASP B 53 4.88 8.78 -18.41
C ASP B 53 4.72 7.32 -18.81
N PHE B 54 3.50 6.99 -19.25
CA PHE B 54 3.21 5.68 -19.80
C PHE B 54 2.18 5.90 -20.89
N VAL B 55 1.92 4.86 -21.68
CA VAL B 55 0.83 4.94 -22.66
C VAL B 55 -0.41 4.19 -22.18
N GLY B 56 -1.53 4.90 -22.25
CA GLY B 56 -2.79 4.39 -21.75
C GLY B 56 -3.19 3.13 -22.45
N ARG B 57 -3.72 2.17 -21.68
CA ARG B 57 -4.24 0.92 -22.21
C ARG B 57 -5.51 0.41 -21.51
N LYS B 58 -6.53 0.10 -22.29
CA LYS B 58 -7.61 -0.75 -21.81
C LYS B 58 -7.55 -1.99 -22.62
N GLY B 59 -7.82 -3.13 -21.99
CA GLY B 59 -7.91 -4.37 -22.74
C GLY B 59 -8.77 -5.40 -22.06
N LEU B 60 -8.97 -6.51 -22.76
CA LEU B 60 -9.76 -7.61 -22.25
C LEU B 60 -8.89 -8.86 -22.12
N LEU B 61 -8.88 -9.45 -20.93
CA LEU B 61 -8.05 -10.61 -20.66
C LEU B 61 -8.96 -11.85 -20.70
N SER B 62 -8.70 -12.75 -21.65
CA SER B 62 -9.44 -14.02 -21.77
C SER B 62 -8.69 -15.19 -21.12
N PHE B 63 -9.37 -15.95 -20.28
CA PHE B 63 -8.77 -17.13 -19.64
C PHE B 63 -9.43 -18.41 -20.15
N PRO B 64 -8.86 -19.05 -21.17
CA PRO B 64 -9.50 -20.28 -21.63
C PRO B 64 -9.62 -21.36 -20.53
N PRO B 65 -10.47 -22.36 -20.71
CA PRO B 65 -10.50 -23.42 -19.72
C PRO B 65 -9.10 -23.94 -19.48
N GLY B 66 -8.75 -24.17 -18.22
CA GLY B 66 -7.47 -24.76 -17.90
C GLY B 66 -6.39 -23.76 -17.58
N VAL B 67 -6.58 -22.52 -18.01
CA VAL B 67 -5.58 -21.50 -17.81
C VAL B 67 -5.91 -20.54 -16.69
N ASP B 68 -4.94 -20.34 -15.80
CA ASP B 68 -5.18 -19.59 -14.58
C ASP B 68 -4.39 -18.32 -14.48
N GLU B 69 -3.70 -17.93 -15.54
CA GLU B 69 -3.05 -16.62 -15.55
C GLU B 69 -3.09 -16.00 -16.93
N GLN B 70 -3.02 -14.67 -16.99
CA GLN B 70 -2.90 -13.95 -18.24
C GLN B 70 -1.94 -12.81 -18.05
N ARG B 71 -1.13 -12.55 -19.05
CA ARG B 71 -0.11 -11.53 -18.96
C ARG B 71 -0.35 -10.50 -20.07
N PHE B 72 -0.08 -9.24 -19.77
CA PHE B 72 -0.16 -8.14 -20.76
C PHE B 72 0.96 -7.12 -20.52
N ARG B 73 1.38 -6.46 -21.60
CA ARG B 73 2.51 -5.50 -21.60
C ARG B 73 2.01 -4.09 -21.52
N ILE B 74 2.67 -3.27 -20.69
CA ILE B 74 2.36 -1.86 -20.55
C ILE B 74 3.59 -0.99 -20.93
N GLU B 75 3.42 -0.09 -21.89
CA GLU B 75 4.56 0.73 -22.37
C GLU B 75 4.89 1.94 -21.44
N VAL B 76 6.18 2.18 -21.19
CA VAL B 76 6.65 3.30 -20.38
C VAL B 76 7.38 4.30 -21.26
N ILE B 77 6.97 5.57 -21.10
CA ILE B 77 7.44 6.62 -21.96
C ILE B 77 8.68 7.21 -21.35
N ASP B 78 9.79 7.08 -22.08
CA ASP B 78 11.06 7.64 -21.68
C ASP B 78 11.31 9.03 -22.29
N ASP B 79 11.78 9.98 -21.47
CA ASP B 79 12.26 11.28 -21.95
C ASP B 79 13.56 11.67 -21.23
N ASP B 80 13.81 12.99 -21.16
CA ASP B 80 15.06 13.60 -20.68
C ASP B 80 14.86 14.47 -19.46
N VAL B 81 13.61 14.65 -19.08
CA VAL B 81 13.28 15.52 -17.96
C VAL B 81 13.57 14.71 -16.67
N PHE B 82 14.29 15.34 -15.75
CA PHE B 82 14.46 14.80 -14.41
C PHE B 82 13.10 14.77 -13.72
N GLU B 83 12.75 13.61 -13.17
CA GLU B 83 11.50 13.48 -12.44
C GLU B 83 11.69 12.79 -11.11
N GLU B 84 10.85 13.15 -10.15
CA GLU B 84 10.76 12.40 -8.90
C GLU B 84 10.03 11.07 -9.20
N ASP B 85 10.11 10.10 -8.28
CA ASP B 85 9.33 8.85 -8.43
C ASP B 85 7.84 9.13 -8.62
N GLU B 86 7.19 8.45 -9.56
CA GLU B 86 5.77 8.65 -9.84
C GLU B 86 5.02 7.35 -9.95
N CYS B 87 3.73 7.38 -9.62
CA CYS B 87 2.95 6.16 -9.67
C CYS B 87 1.73 6.28 -10.57
N PHE B 88 1.37 5.18 -11.22
CA PHE B 88 0.04 5.08 -11.79
C PHE B 88 -0.58 3.77 -11.39
N TYR B 89 -1.80 3.52 -11.83
CA TYR B 89 -2.53 2.31 -11.48
C TYR B 89 -3.14 1.58 -12.66
N ILE B 90 -3.55 0.35 -12.37
CA ILE B 90 -4.29 -0.48 -13.32
C ILE B 90 -5.42 -1.18 -12.57
N ARG B 91 -6.62 -1.06 -13.14
CA ARG B 91 -7.89 -1.44 -12.52
C ARG B 91 -8.43 -2.64 -13.23
N LEU B 92 -8.91 -3.63 -12.49
CA LEU B 92 -9.66 -4.72 -13.14
C LEU B 92 -11.12 -4.40 -12.99
N PHE B 93 -11.93 -4.81 -13.96
CA PHE B 93 -13.36 -4.58 -13.88
C PHE B 93 -14.07 -5.47 -14.86
N ASN B 94 -15.37 -5.55 -14.75
CA ASN B 94 -16.19 -6.41 -15.60
C ASN B 94 -15.68 -7.84 -15.63
N PRO B 95 -15.55 -8.47 -14.46
CA PRO B 95 -15.24 -9.89 -14.49
C PRO B 95 -16.46 -10.63 -15.06
N SER B 96 -16.29 -11.74 -15.74
CA SER B 96 -17.44 -12.43 -16.27
C SER B 96 -18.30 -13.10 -15.19
N GLU B 97 -19.44 -13.62 -15.60
CA GLU B 97 -20.42 -14.24 -14.72
C GLU B 97 -19.87 -15.15 -13.67
N GLY B 98 -20.09 -14.85 -12.42
CA GLY B 98 -19.68 -15.77 -11.40
C GLY B 98 -18.25 -15.62 -10.95
N VAL B 99 -17.52 -14.75 -11.61
CA VAL B 99 -16.17 -14.49 -11.21
C VAL B 99 -16.18 -13.27 -10.33
N LYS B 100 -15.54 -13.34 -9.18
CA LYS B 100 -15.37 -12.18 -8.29
C LYS B 100 -13.97 -11.66 -8.43
N LEU B 101 -13.81 -10.35 -8.31
CA LEU B 101 -12.49 -9.76 -8.14
C LEU B 101 -12.08 -9.98 -6.71
N ALA B 102 -10.79 -10.05 -6.45
CA ALA B 102 -10.30 -10.09 -5.07
C ALA B 102 -9.19 -9.05 -4.98
N VAL B 103 -8.84 -8.64 -3.78
CA VAL B 103 -7.70 -7.75 -3.57
C VAL B 103 -6.37 -8.54 -3.75
N PRO B 104 -5.44 -7.99 -4.54
CA PRO B 104 -5.45 -6.69 -5.24
C PRO B 104 -6.15 -6.68 -6.60
N MET B 105 -7.14 -5.83 -6.70
CA MET B 105 -7.89 -5.66 -7.94
C MET B 105 -7.54 -4.35 -8.59
N ILE B 106 -6.66 -3.57 -7.95
CA ILE B 106 -5.94 -2.46 -8.58
C ILE B 106 -4.43 -2.66 -8.40
N ALA B 107 -3.69 -2.70 -9.49
CA ALA B 107 -2.24 -2.83 -9.44
C ALA B 107 -1.64 -1.43 -9.33
N THR B 108 -0.55 -1.36 -8.59
CA THR B 108 0.18 -0.11 -8.45
C THR B 108 1.52 -0.18 -9.20
N VAL B 109 1.88 0.91 -9.87
CA VAL B 109 3.12 0.97 -10.65
C VAL B 109 3.86 2.20 -10.25
N MET B 110 5.09 1.96 -9.79
CA MET B 110 6.05 3.00 -9.49
C MET B 110 7.05 3.13 -10.65
N ILE B 111 7.14 4.30 -11.28
CA ILE B 111 8.26 4.58 -12.19
C ILE B 111 9.41 5.32 -11.48
N LEU B 112 10.61 4.77 -11.61
CA LEU B 112 11.81 5.43 -11.11
C LEU B 112 12.46 6.10 -12.29
N ASP B 113 12.69 7.41 -12.17
CA ASP B 113 13.28 8.24 -13.20
C ASP B 113 14.76 7.95 -13.31
N ASP B 114 15.30 8.17 -14.51
CA ASP B 114 16.71 7.89 -14.84
C ASP B 114 17.44 9.12 -15.37
N ASP B 115 16.95 10.29 -15.01
CA ASP B 115 17.48 11.53 -15.57
C ASP B 115 18.22 12.36 -14.51
N HIS B 116 19.28 13.07 -14.93
CA HIS B 116 20.32 13.48 -13.98
C HIS B 116 20.20 14.90 -13.42
N ALA B 117 19.01 15.25 -12.92
CA ALA B 117 18.74 16.58 -12.34
C ALA B 117 19.32 17.75 -13.18
N ILE C 5 -9.57 -11.08 20.59
CA ILE C 5 -8.83 -9.77 20.76
C ILE C 5 -7.76 -9.50 19.69
N ARG C 6 -7.95 -8.43 18.93
CA ARG C 6 -7.01 -8.01 17.89
C ARG C 6 -6.57 -6.56 18.18
N MET C 7 -5.34 -6.25 17.79
CA MET C 7 -4.87 -4.88 17.80
C MET C 7 -4.30 -4.54 16.44
N TYR C 8 -4.52 -3.29 16.02
CA TYR C 8 -4.06 -2.77 14.71
C TYR C 8 -4.10 -1.24 14.71
N PHE C 9 -3.30 -0.60 13.83
CA PHE C 9 -3.36 0.87 13.67
C PHE C 9 -4.63 1.25 12.95
N GLU C 10 -5.26 2.34 13.40
CA GLU C 10 -6.37 2.89 12.66
C GLU C 10 -6.43 4.39 12.91
N PRO C 11 -6.08 5.20 11.91
CA PRO C 11 -5.48 4.80 10.63
C PRO C 11 -4.13 4.04 10.60
N GLY C 12 -3.95 3.27 9.52
CA GLY C 12 -2.69 2.62 9.22
C GLY C 12 -1.79 3.45 8.30
N HIS C 13 -2.29 4.55 7.74
CA HIS C 13 -1.46 5.43 6.92
C HIS C 13 -1.67 6.87 7.32
N TYR C 14 -0.57 7.62 7.40
CA TYR C 14 -0.57 9.04 7.70
C TYR C 14 0.31 9.67 6.71
N THR C 15 -0.17 10.75 6.11
CA THR C 15 0.68 11.61 5.35
C THR C 15 0.62 13.03 5.90
N VAL C 16 1.77 13.67 5.98
CA VAL C 16 1.99 14.76 6.89
C VAL C 16 2.98 15.68 6.22
N MET C 17 2.88 16.97 6.49
CA MET C 17 3.89 17.94 6.06
C MET C 17 5.09 17.92 6.99
N GLU C 18 6.25 18.29 6.45
CA GLU C 18 7.42 18.34 7.31
C GLU C 18 7.27 19.47 8.33
N ASN C 19 6.45 20.49 8.00
CA ASN C 19 6.15 21.56 8.97
C ASN C 19 4.90 21.34 9.85
N CYS C 20 4.49 20.08 10.08
CA CYS C 20 3.30 19.87 10.91
C CYS C 20 3.67 19.94 12.40
N GLY C 21 4.96 19.81 12.72
CA GLY C 21 5.40 19.85 14.12
C GLY C 21 5.31 18.44 14.70
N GLU C 22 4.09 17.99 14.96
CA GLU C 22 3.84 16.58 15.26
C GLU C 22 2.46 16.12 14.76
N PHE C 23 2.29 14.81 14.60
CA PHE C 23 1.01 14.19 14.25
C PHE C 23 0.66 13.07 15.21
N GLU C 24 -0.64 12.76 15.29
CA GLU C 24 -1.16 11.71 16.18
C GLU C 24 -1.24 10.35 15.51
N VAL C 25 -0.66 9.34 16.10
CA VAL C 25 -0.87 8.01 15.53
C VAL C 25 -1.94 7.40 16.41
N ARG C 26 -2.76 6.55 15.83
CA ARG C 26 -3.79 5.90 16.61
C ARG C 26 -3.79 4.37 16.39
N VAL C 27 -3.91 3.65 17.51
CA VAL C 27 -3.95 2.22 17.58
C VAL C 27 -5.24 1.84 18.28
N VAL C 28 -5.88 0.78 17.78
CA VAL C 28 -7.24 0.42 18.13
C VAL C 28 -7.26 -1.01 18.68
N ARG C 29 -8.13 -1.29 19.65
CA ARG C 29 -8.25 -2.62 20.23
C ARG C 29 -9.66 -3.13 19.95
N ARG C 30 -9.79 -4.32 19.39
CA ARG C 30 -11.11 -4.91 19.20
C ARG C 30 -11.29 -6.27 19.90
N GLY C 31 -12.54 -6.62 20.21
CA GLY C 31 -12.85 -7.85 20.96
C GLY C 31 -13.21 -7.58 22.42
N ASP C 32 -12.73 -8.40 23.33
CA ASP C 32 -12.94 -8.20 24.74
C ASP C 32 -12.33 -6.90 25.14
N ILE C 33 -13.13 -5.91 25.48
CA ILE C 33 -12.53 -4.72 26.02
C ILE C 33 -12.50 -4.82 27.52
N SER C 34 -12.73 -6.01 28.02
CA SER C 34 -12.96 -6.19 29.42
C SER C 34 -11.70 -6.13 30.22
N THR C 35 -10.72 -6.88 29.80
CA THR C 35 -9.49 -6.92 30.55
C THR C 35 -8.46 -6.02 29.96
N TYR C 36 -7.37 -5.82 30.67
CA TYR C 36 -6.35 -4.91 30.23
C TYR C 36 -5.39 -5.59 29.29
N ALA C 37 -5.07 -4.91 28.21
CA ALA C 37 -4.10 -5.42 27.24
C ALA C 37 -3.08 -4.31 26.93
N SER C 38 -1.90 -4.70 26.48
CA SER C 38 -0.90 -3.69 26.09
C SER C 38 -0.14 -4.09 24.84
N VAL C 39 0.51 -3.11 24.23
CA VAL C 39 1.36 -3.32 23.06
C VAL C 39 2.43 -2.24 22.98
N GLU C 40 3.58 -2.58 22.40
CA GLU C 40 4.65 -1.63 22.21
C GLU C 40 4.66 -1.27 20.76
N TYR C 41 5.27 -0.12 20.46
CA TYR C 41 5.40 0.42 19.10
C TYR C 41 6.81 0.98 19.01
N GLU C 42 7.35 1.08 17.80
CA GLU C 42 8.66 1.72 17.58
C GLU C 42 8.63 2.31 16.17
N THR C 43 9.23 3.47 15.97
CA THR C 43 9.35 3.99 14.61
C THR C 43 10.51 3.23 13.93
N GLN C 44 10.43 3.04 12.61
CA GLN C 44 11.53 2.54 11.79
C GLN C 44 11.72 3.46 10.60
N ASP C 45 12.97 3.56 10.15
CA ASP C 45 13.31 4.26 8.92
C ASP C 45 12.78 3.60 7.63
N GLY C 46 12.36 4.47 6.71
CA GLY C 46 12.14 4.11 5.32
C GLY C 46 13.08 4.94 4.49
N THR C 47 12.56 5.81 3.64
CA THR C 47 13.37 6.85 2.99
C THR C 47 13.58 8.11 3.87
N ALA C 48 12.65 8.32 4.79
CA ALA C 48 12.86 9.15 5.93
C ALA C 48 13.64 8.45 7.06
N SER C 49 14.59 9.19 7.64
CA SER C 49 15.35 8.70 8.79
C SER C 49 15.10 9.48 10.09
N ALA C 50 15.16 8.77 11.20
CA ALA C 50 15.09 9.35 12.53
C ALA C 50 16.22 10.32 12.72
N GLY C 51 15.93 11.37 13.47
CA GLY C 51 16.97 12.29 13.85
C GLY C 51 17.34 13.28 12.76
N THR C 52 16.75 13.11 11.57
CA THR C 52 16.89 14.07 10.47
C THR C 52 15.52 14.45 9.85
N ASP C 53 14.58 13.50 9.89
CA ASP C 53 13.26 13.63 9.28
C ASP C 53 12.08 13.53 10.28
N PHE C 54 12.32 12.96 11.44
CA PHE C 54 11.29 12.84 12.47
C PHE C 54 12.06 12.36 13.70
N VAL C 55 11.51 12.48 14.91
CA VAL C 55 12.24 11.90 16.05
C VAL C 55 11.77 10.46 16.35
N GLY C 56 12.73 9.60 16.72
CA GLY C 56 12.45 8.17 16.83
C GLY C 56 11.75 7.95 18.14
N ARG C 57 10.66 7.20 18.12
CA ARG C 57 9.96 6.95 19.38
C ARG C 57 9.68 5.48 19.57
N LYS C 58 9.80 5.00 20.80
CA LYS C 58 9.46 3.64 21.14
C LYS C 58 8.61 3.75 22.38
N GLY C 59 7.58 2.94 22.50
CA GLY C 59 6.78 3.08 23.70
C GLY C 59 5.85 1.95 23.90
N LEU C 60 5.19 1.96 25.06
CA LEU C 60 4.17 0.97 25.45
C LEU C 60 2.79 1.63 25.53
N LEU C 61 1.83 1.06 24.83
CA LEU C 61 0.45 1.55 24.88
C LEU C 61 -0.37 0.72 25.85
N SER C 62 -0.98 1.38 26.83
CA SER C 62 -1.81 0.70 27.81
C SER C 62 -3.30 0.84 27.50
N PHE C 63 -4.02 -0.28 27.56
CA PHE C 63 -5.45 -0.34 27.27
C PHE C 63 -6.18 -0.90 28.47
N PRO C 64 -6.47 -0.05 29.47
CA PRO C 64 -7.28 -0.49 30.63
C PRO C 64 -8.65 -1.02 30.21
N PRO C 65 -9.31 -1.83 31.08
CA PRO C 65 -10.65 -2.29 30.73
C PRO C 65 -11.53 -1.13 30.28
N GLY C 66 -12.30 -1.33 29.22
CA GLY C 66 -13.26 -0.33 28.76
C GLY C 66 -12.73 0.54 27.64
N VAL C 67 -11.42 0.67 27.51
CA VAL C 67 -10.83 1.57 26.51
C VAL C 67 -10.39 0.78 25.27
N ASP C 68 -10.79 1.25 24.10
CA ASP C 68 -10.53 0.51 22.85
C ASP C 68 -9.60 1.24 21.88
N GLU C 69 -8.92 2.26 22.36
CA GLU C 69 -8.00 3.00 21.53
C GLU C 69 -6.97 3.71 22.36
N GLN C 70 -5.81 3.91 21.76
CA GLN C 70 -4.71 4.67 22.36
C GLN C 70 -4.09 5.50 21.27
N ARG C 71 -3.67 6.70 21.61
CA ARG C 71 -3.10 7.62 20.65
C ARG C 71 -1.75 8.07 21.20
N PHE C 72 -0.80 8.33 20.31
CA PHE C 72 0.51 8.86 20.73
C PHE C 72 0.99 9.74 19.62
N ARG C 73 1.91 10.63 19.91
CA ARG C 73 2.34 11.64 18.94
C ARG C 73 3.75 11.38 18.44
N ILE C 74 3.93 11.51 17.11
CA ILE C 74 5.25 11.50 16.50
C ILE C 74 5.63 12.92 16.00
N GLU C 75 6.81 13.38 16.43
CA GLU C 75 7.40 14.64 16.09
C GLU C 75 8.12 14.58 14.73
N VAL C 76 7.76 15.48 13.82
CA VAL C 76 8.40 15.49 12.51
C VAL C 76 9.40 16.64 12.50
N ILE C 77 10.58 16.42 11.95
CA ILE C 77 11.64 17.46 12.00
C ILE C 77 11.63 18.32 10.73
N ASP C 78 11.62 19.65 10.90
CA ASP C 78 11.43 20.60 9.80
C ASP C 78 12.80 21.24 9.56
N ASP C 79 13.39 20.98 8.40
CA ASP C 79 14.61 21.72 8.03
C ASP C 79 14.27 22.73 6.95
N ASP C 80 15.28 23.20 6.24
CA ASP C 80 15.05 24.05 5.06
C ASP C 80 15.72 23.49 3.81
N VAL C 81 15.94 22.18 3.81
CA VAL C 81 16.55 21.51 2.68
C VAL C 81 15.41 20.89 1.88
N PHE C 82 15.47 21.03 0.55
CA PHE C 82 14.50 20.40 -0.36
C PHE C 82 14.60 18.88 -0.27
N GLU C 83 13.46 18.20 -0.42
CA GLU C 83 13.39 16.75 -0.43
C GLU C 83 12.22 16.23 -1.26
N GLU C 84 12.36 15.01 -1.75
CA GLU C 84 11.25 14.25 -2.29
C GLU C 84 10.33 13.85 -1.14
N ASP C 85 9.14 13.32 -1.46
CA ASP C 85 8.34 12.58 -0.46
C ASP C 85 9.16 11.40 0.01
N GLU C 86 9.18 11.19 1.32
CA GLU C 86 9.79 9.98 1.86
C GLU C 86 8.95 9.34 2.96
N CYS C 87 9.16 8.05 3.18
CA CYS C 87 8.41 7.32 4.18
C CYS C 87 9.23 6.96 5.38
N PHE C 88 8.51 6.75 6.47
CA PHE C 88 8.98 5.84 7.47
C PHE C 88 7.78 4.99 7.95
N TYR C 89 8.01 4.14 8.93
CA TYR C 89 7.09 3.07 9.37
C TYR C 89 6.97 3.07 10.90
N ILE C 90 5.89 2.46 11.40
CA ILE C 90 5.73 2.32 12.83
C ILE C 90 5.20 0.90 13.09
N ARG C 91 5.93 0.19 13.90
CA ARG C 91 5.80 -1.24 14.01
C ARG C 91 5.18 -1.50 15.38
N LEU C 92 4.07 -2.18 15.43
CA LEU C 92 3.57 -2.69 16.73
C LEU C 92 4.27 -3.99 17.03
N PHE C 93 4.56 -4.24 18.30
CA PHE C 93 5.21 -5.47 18.71
C PHE C 93 4.91 -5.71 20.18
N ASN C 94 5.23 -6.90 20.67
CA ASN C 94 5.04 -7.24 22.08
C ASN C 94 3.63 -7.06 22.61
N PRO C 95 2.63 -7.53 21.84
CA PRO C 95 1.28 -7.51 22.38
C PRO C 95 1.18 -8.47 23.60
N SER C 96 0.27 -8.20 24.55
CA SER C 96 0.07 -9.03 25.74
C SER C 96 -0.62 -10.35 25.41
N GLU C 97 -0.52 -11.28 26.35
CA GLU C 97 -0.91 -12.70 26.15
C GLU C 97 -2.10 -12.98 25.21
N GLY C 98 -3.25 -12.37 25.48
CA GLY C 98 -4.44 -12.66 24.68
C GLY C 98 -4.45 -12.09 23.26
N VAL C 99 -3.62 -11.08 23.01
CA VAL C 99 -3.80 -10.21 21.87
C VAL C 99 -2.99 -10.66 20.67
N LYS C 100 -3.68 -10.99 19.59
CA LYS C 100 -3.00 -11.23 18.34
C LYS C 100 -3.02 -9.90 17.64
N LEU C 101 -1.98 -9.62 16.85
CA LEU C 101 -2.02 -8.36 16.06
C LEU C 101 -2.71 -8.63 14.74
N ALA C 102 -3.12 -7.56 14.07
CA ALA C 102 -3.78 -7.71 12.79
C ALA C 102 -3.31 -6.64 11.86
N VAL C 103 -3.53 -6.87 10.56
CA VAL C 103 -3.18 -5.84 9.58
C VAL C 103 -4.17 -4.62 9.61
N PRO C 104 -3.65 -3.39 9.57
CA PRO C 104 -2.24 -3.01 9.49
C PRO C 104 -1.59 -3.00 10.86
N MET C 105 -0.50 -3.76 11.01
CA MET C 105 0.24 -3.65 12.24
C MET C 105 1.60 -2.99 12.04
N ILE C 106 1.81 -2.47 10.83
CA ILE C 106 2.89 -1.55 10.51
C ILE C 106 2.21 -0.29 9.89
N ALA C 107 2.30 0.81 10.58
CA ALA C 107 1.75 2.04 10.06
C ALA C 107 2.73 2.60 8.99
N THR C 108 2.24 3.00 7.82
CA THR C 108 3.08 3.76 6.89
C THR C 108 2.85 5.27 7.07
N VAL C 109 3.94 6.05 6.99
CA VAL C 109 3.89 7.49 7.13
C VAL C 109 4.68 8.13 6.01
N MET C 110 3.98 8.98 5.26
CA MET C 110 4.56 9.76 4.17
C MET C 110 4.73 11.23 4.57
N ILE C 111 5.95 11.75 4.39
CA ILE C 111 6.31 13.09 4.75
C ILE C 111 6.49 13.85 3.47
N LEU C 112 5.73 14.91 3.35
CA LEU C 112 5.73 15.67 2.14
C LEU C 112 6.53 16.91 2.52
N ASP C 113 7.44 17.32 1.65
CA ASP C 113 8.37 18.42 1.94
C ASP C 113 7.73 19.75 1.56
N ASP C 114 8.11 20.82 2.27
CA ASP C 114 7.57 22.18 2.11
C ASP C 114 8.62 23.24 1.73
N ASP C 115 9.80 22.83 1.25
CA ASP C 115 10.88 23.78 0.99
C ASP C 115 10.98 24.13 -0.50
N HIS C 116 11.62 25.26 -0.82
CA HIS C 116 11.70 25.75 -2.20
C HIS C 116 12.52 24.80 -3.07
N ILE D 5 1.77 23.15 -3.39
CA ILE D 5 0.43 22.62 -3.03
C ILE D 5 0.24 21.13 -3.31
N ARG D 6 -0.35 20.41 -2.36
CA ARG D 6 -0.87 19.08 -2.64
C ARG D 6 -2.19 18.76 -2.02
N MET D 7 -2.77 17.68 -2.50
CA MET D 7 -4.05 17.21 -2.05
C MET D 7 -4.02 15.72 -1.90
N TYR D 8 -4.74 15.26 -0.89
CA TYR D 8 -4.94 13.82 -0.70
C TYR D 8 -6.13 13.51 0.19
N PHE D 9 -6.63 12.28 0.12
CA PHE D 9 -7.62 11.79 1.08
C PHE D 9 -7.07 11.72 2.47
N GLU D 10 -7.85 12.22 3.42
CA GLU D 10 -7.59 12.02 4.82
C GLU D 10 -8.92 12.05 5.54
N PRO D 11 -9.42 10.88 6.02
CA PRO D 11 -8.86 9.52 5.92
C PRO D 11 -8.76 8.98 4.49
N GLY D 12 -7.85 8.04 4.28
CA GLY D 12 -7.72 7.36 3.00
C GLY D 12 -8.56 6.11 3.00
N HIS D 13 -8.97 5.67 4.17
CA HIS D 13 -9.70 4.42 4.24
C HIS D 13 -10.96 4.65 5.03
N TYR D 14 -12.05 4.07 4.53
CA TYR D 14 -13.34 4.19 5.17
C TYR D 14 -13.93 2.81 5.31
N THR D 15 -14.24 2.41 6.53
CA THR D 15 -15.03 1.20 6.69
C THR D 15 -16.41 1.54 7.23
N VAL D 16 -17.42 0.95 6.60
CA VAL D 16 -18.76 1.51 6.58
C VAL D 16 -19.80 0.41 6.66
N MET D 17 -20.84 0.68 7.46
CA MET D 17 -21.98 -0.22 7.58
C MET D 17 -22.92 -0.08 6.40
N GLU D 18 -23.52 -1.19 5.97
CA GLU D 18 -24.38 -1.23 4.78
C GLU D 18 -25.69 -0.47 4.96
N ASN D 19 -26.04 -0.23 6.22
CA ASN D 19 -27.17 0.61 6.61
C ASN D 19 -26.67 1.85 7.37
N CYS D 20 -25.89 2.68 6.69
CA CYS D 20 -25.43 3.93 7.28
C CYS D 20 -26.24 5.02 6.65
N GLY D 21 -26.84 4.67 5.51
CA GLY D 21 -27.50 5.64 4.66
C GLY D 21 -26.42 6.27 3.82
N GLU D 22 -25.76 7.28 4.36
CA GLU D 22 -24.61 7.89 3.69
C GLU D 22 -23.40 8.00 4.63
N PHE D 23 -22.23 8.22 4.04
CA PHE D 23 -21.02 8.53 4.79
C PHE D 23 -20.23 9.68 4.14
N GLU D 24 -19.31 10.26 4.90
CA GLU D 24 -18.57 11.44 4.49
C GLU D 24 -17.10 11.13 4.24
N VAL D 25 -16.64 11.49 3.04
CA VAL D 25 -15.24 11.40 2.63
C VAL D 25 -14.58 12.77 2.75
N ARG D 26 -13.29 12.80 3.03
CA ARG D 26 -12.53 14.02 3.22
C ARG D 26 -11.23 14.07 2.40
N VAL D 27 -11.09 15.14 1.63
CA VAL D 27 -9.89 15.45 0.89
C VAL D 27 -9.30 16.68 1.53
N VAL D 28 -7.99 16.82 1.48
CA VAL D 28 -7.32 17.83 2.23
C VAL D 28 -6.35 18.58 1.28
N ARG D 29 -6.37 19.90 1.30
CA ARG D 29 -5.43 20.70 0.51
C ARG D 29 -4.34 21.22 1.45
N ARG D 30 -3.08 20.95 1.13
CA ARG D 30 -1.96 21.39 1.99
C ARG D 30 -0.95 22.21 1.17
N GLY D 31 0.00 22.87 1.83
CA GLY D 31 0.93 23.77 1.15
C GLY D 31 0.35 25.19 1.14
N ASP D 32 0.13 25.75 -0.03
CA ASP D 32 -0.40 27.10 -0.15
C ASP D 32 -1.89 27.17 -0.10
N ILE D 33 -2.41 27.81 0.94
CA ILE D 33 -3.85 27.93 1.12
C ILE D 33 -4.36 29.22 0.56
N SER D 34 -3.46 30.12 0.25
CA SER D 34 -3.80 31.46 -0.16
C SER D 34 -4.70 31.56 -1.36
N THR D 35 -4.71 30.55 -2.21
CA THR D 35 -5.38 30.72 -3.47
C THR D 35 -6.32 29.62 -3.73
N TYR D 36 -7.08 29.75 -4.80
CA TYR D 36 -8.07 28.75 -5.16
C TYR D 36 -7.39 27.58 -5.83
N ALA D 37 -7.96 26.42 -5.60
CA ALA D 37 -7.47 25.16 -6.18
C ALA D 37 -8.59 24.14 -6.20
N SER D 38 -8.52 23.17 -7.10
CA SER D 38 -9.54 22.14 -7.14
C SER D 38 -8.97 20.78 -7.56
N VAL D 39 -9.73 19.73 -7.29
CA VAL D 39 -9.41 18.42 -7.80
C VAL D 39 -10.73 17.78 -8.16
N GLU D 40 -10.70 16.82 -9.06
CA GLU D 40 -11.88 15.99 -9.34
C GLU D 40 -11.82 14.65 -8.59
N TYR D 41 -12.96 13.98 -8.51
CA TYR D 41 -13.03 12.65 -7.90
C TYR D 41 -14.08 11.86 -8.64
N GLU D 42 -13.92 10.54 -8.59
CA GLU D 42 -14.92 9.60 -9.07
C GLU D 42 -14.85 8.29 -8.29
N THR D 43 -16.02 7.73 -7.99
CA THR D 43 -16.09 6.41 -7.40
C THR D 43 -15.75 5.43 -8.51
N GLN D 44 -15.20 4.28 -8.14
CA GLN D 44 -15.07 3.15 -9.08
C GLN D 44 -15.34 1.82 -8.40
N ASP D 45 -15.92 0.90 -9.16
CA ASP D 45 -16.31 -0.39 -8.61
C ASP D 45 -15.08 -1.17 -8.11
N GLY D 46 -15.26 -1.90 -7.02
CA GLY D 46 -14.27 -2.89 -6.59
C GLY D 46 -15.00 -4.21 -6.64
N THR D 47 -15.27 -4.77 -5.48
CA THR D 47 -16.22 -5.88 -5.35
C THR D 47 -17.65 -5.32 -5.17
N ALA D 48 -17.74 -4.12 -4.61
CA ALA D 48 -18.95 -3.31 -4.56
C ALA D 48 -19.11 -2.54 -5.88
N SER D 49 -20.36 -2.33 -6.29
CA SER D 49 -20.71 -1.73 -7.59
C SER D 49 -21.62 -0.49 -7.48
N ALA D 50 -21.51 0.41 -8.46
CA ALA D 50 -22.41 1.55 -8.59
C ALA D 50 -23.80 1.09 -9.03
N GLY D 51 -24.83 1.50 -8.29
CA GLY D 51 -26.20 1.10 -8.59
C GLY D 51 -26.78 -0.02 -7.75
N THR D 52 -25.92 -0.91 -7.23
CA THR D 52 -26.37 -1.99 -6.33
C THR D 52 -25.77 -1.96 -4.91
N ASP D 53 -24.61 -1.32 -4.73
CA ASP D 53 -24.01 -1.20 -3.39
C ASP D 53 -23.87 0.24 -2.89
N PHE D 54 -23.73 1.16 -3.84
CA PHE D 54 -23.55 2.57 -3.60
C PHE D 54 -23.95 3.33 -4.86
N VAL D 55 -24.29 4.61 -4.72
CA VAL D 55 -24.58 5.37 -5.93
C VAL D 55 -23.28 5.96 -6.40
N GLY D 56 -23.05 5.80 -7.69
CA GLY D 56 -21.85 6.31 -8.31
C GLY D 56 -21.88 7.81 -8.33
N ARG D 57 -20.80 8.40 -7.87
CA ARG D 57 -20.66 9.84 -7.84
C ARG D 57 -19.41 10.22 -8.57
N LYS D 58 -19.44 11.35 -9.26
CA LYS D 58 -18.24 11.92 -9.83
C LYS D 58 -18.41 13.42 -9.76
N GLY D 59 -17.41 14.13 -9.24
CA GLY D 59 -17.56 15.54 -8.99
C GLY D 59 -16.26 16.31 -8.94
N LEU D 60 -16.37 17.52 -8.39
CA LEU D 60 -15.30 18.52 -8.34
C LEU D 60 -15.27 19.06 -6.92
N LEU D 61 -14.11 18.97 -6.29
CA LEU D 61 -13.91 19.53 -4.97
C LEU D 61 -13.25 20.87 -5.20
N SER D 62 -14.04 21.97 -5.08
CA SER D 62 -13.51 23.32 -5.07
C SER D 62 -12.98 23.67 -3.67
N PHE D 63 -11.77 24.21 -3.62
CA PHE D 63 -11.15 24.70 -2.38
C PHE D 63 -10.87 26.20 -2.52
N PRO D 64 -11.85 27.05 -2.15
CA PRO D 64 -11.72 28.51 -2.10
C PRO D 64 -10.46 29.01 -1.36
N PRO D 65 -10.01 30.27 -1.64
CA PRO D 65 -8.85 30.84 -0.95
C PRO D 65 -8.99 30.86 0.57
N GLY D 66 -8.53 29.81 1.23
CA GLY D 66 -8.56 29.79 2.68
C GLY D 66 -8.95 28.46 3.30
N VAL D 67 -9.41 27.52 2.47
CA VAL D 67 -9.91 26.25 3.00
C VAL D 67 -9.01 25.09 2.60
N ASP D 68 -8.68 24.30 3.60
CA ASP D 68 -7.68 23.27 3.47
C ASP D 68 -8.33 21.90 3.56
N GLU D 69 -9.62 21.82 3.31
CA GLU D 69 -10.41 20.65 3.64
C GLU D 69 -11.73 20.70 2.88
N GLN D 70 -12.06 19.62 2.17
CA GLN D 70 -13.39 19.49 1.58
C GLN D 70 -13.90 18.11 1.80
N ARG D 71 -15.14 18.00 2.26
CA ARG D 71 -15.79 16.71 2.48
C ARG D 71 -16.88 16.49 1.42
N PHE D 72 -17.23 15.25 1.15
CA PHE D 72 -18.40 14.99 0.29
C PHE D 72 -19.08 13.73 0.75
N ARG D 73 -20.26 13.49 0.21
CA ARG D 73 -21.11 12.44 0.72
C ARG D 73 -21.37 11.39 -0.34
N ILE D 74 -21.28 10.13 0.06
CA ILE D 74 -21.46 8.99 -0.83
C ILE D 74 -22.62 8.16 -0.27
N GLU D 75 -23.64 7.89 -1.09
CA GLU D 75 -24.83 7.13 -0.65
C GLU D 75 -24.56 5.61 -0.71
N VAL D 76 -24.92 4.88 0.34
CA VAL D 76 -24.76 3.42 0.33
C VAL D 76 -26.10 2.74 0.11
N ILE D 77 -26.19 1.92 -0.93
CA ILE D 77 -27.47 1.30 -1.29
C ILE D 77 -27.78 0.09 -0.41
N ASP D 78 -28.81 0.24 0.43
CA ASP D 78 -29.22 -0.81 1.34
C ASP D 78 -30.15 -1.79 0.63
N ASP D 79 -30.06 -3.06 0.99
CA ASP D 79 -30.94 -4.08 0.49
C ASP D 79 -31.02 -5.22 1.49
N ASP D 80 -31.88 -6.21 1.19
CA ASP D 80 -32.11 -7.33 2.10
C ASP D 80 -31.53 -8.64 1.58
N VAL D 81 -30.23 -8.64 1.30
CA VAL D 81 -29.48 -9.84 0.85
C VAL D 81 -28.08 -9.90 1.48
N PHE D 82 -27.73 -11.07 2.04
CA PHE D 82 -26.46 -11.29 2.74
C PHE D 82 -25.29 -11.39 1.79
N GLU D 83 -24.22 -10.66 2.14
CA GLU D 83 -22.99 -10.60 1.35
C GLU D 83 -21.74 -10.73 2.24
N GLU D 84 -20.59 -11.00 1.61
CA GLU D 84 -19.31 -10.86 2.27
C GLU D 84 -18.86 -9.41 2.17
N ASP D 85 -17.84 -9.04 2.94
CA ASP D 85 -17.28 -7.67 2.91
C ASP D 85 -16.92 -7.28 1.50
N GLU D 86 -17.38 -6.12 1.06
CA GLU D 86 -17.09 -5.64 -0.29
C GLU D 86 -16.30 -4.33 -0.27
N CYS D 87 -15.69 -4.00 -1.41
CA CYS D 87 -14.83 -2.84 -1.53
C CYS D 87 -15.13 -2.04 -2.79
N PHE D 88 -15.28 -0.73 -2.64
CA PHE D 88 -15.08 0.17 -3.77
C PHE D 88 -14.05 1.24 -3.41
N TYR D 89 -13.63 1.97 -4.43
CA TYR D 89 -12.54 2.92 -4.32
C TYR D 89 -13.03 4.26 -4.81
N ILE D 90 -12.40 5.33 -4.35
CA ILE D 90 -12.65 6.65 -4.87
C ILE D 90 -11.30 7.22 -5.28
N ARG D 91 -11.24 7.88 -6.43
CA ARG D 91 -10.00 8.26 -7.05
C ARG D 91 -9.97 9.77 -7.30
N LEU D 92 -8.89 10.44 -6.87
CA LEU D 92 -8.67 11.86 -7.16
C LEU D 92 -7.97 11.92 -8.50
N PHE D 93 -8.30 12.96 -9.28
CA PHE D 93 -7.69 13.21 -10.60
C PHE D 93 -7.87 14.65 -11.11
N ASN D 94 -7.11 15.02 -12.12
CA ASN D 94 -7.13 16.37 -12.68
C ASN D 94 -7.05 17.46 -11.60
N PRO D 95 -5.93 17.51 -10.86
CA PRO D 95 -5.71 18.63 -9.95
C PRO D 95 -5.35 19.92 -10.69
N SER D 96 -5.65 21.03 -10.06
CA SER D 96 -5.57 22.32 -10.67
C SER D 96 -4.15 22.80 -10.77
N GLU D 97 -3.85 23.55 -11.80
CA GLU D 97 -2.49 23.90 -12.09
C GLU D 97 -1.54 23.46 -11.00
N GLY D 98 -1.05 24.36 -10.17
CA GLY D 98 0.07 24.00 -9.32
C GLY D 98 -0.09 22.91 -8.26
N VAL D 99 -0.95 21.94 -8.48
CA VAL D 99 -1.23 20.97 -7.44
C VAL D 99 -0.75 19.55 -7.73
N LYS D 100 0.08 19.02 -6.84
CA LYS D 100 0.61 17.64 -6.93
C LYS D 100 -0.21 16.76 -6.02
N LEU D 101 -0.87 15.73 -6.55
CA LEU D 101 -1.52 14.75 -5.66
C LEU D 101 -0.49 14.08 -4.75
N ALA D 102 -0.99 13.45 -3.71
CA ALA D 102 -0.13 12.73 -2.81
C ALA D 102 -0.82 11.43 -2.42
N VAL D 103 -0.06 10.53 -1.84
CA VAL D 103 -0.60 9.32 -1.25
C VAL D 103 -1.27 9.76 0.04
N PRO D 104 -2.53 9.30 0.28
CA PRO D 104 -3.40 8.47 -0.56
C PRO D 104 -4.19 9.24 -1.58
N MET D 105 -4.13 8.81 -2.84
CA MET D 105 -4.86 9.46 -3.93
C MET D 105 -6.01 8.60 -4.51
N ILE D 106 -6.06 7.35 -4.06
CA ILE D 106 -7.26 6.52 -4.17
C ILE D 106 -7.67 6.25 -2.72
N ALA D 107 -8.96 6.35 -2.44
CA ALA D 107 -9.48 6.07 -1.13
C ALA D 107 -10.18 4.77 -1.25
N THR D 108 -10.03 3.93 -0.23
CA THR D 108 -10.61 2.60 -0.28
C THR D 108 -11.76 2.51 0.72
N VAL D 109 -12.94 2.11 0.23
CA VAL D 109 -14.15 2.11 1.03
C VAL D 109 -14.63 0.67 1.25
N MET D 110 -14.70 0.23 2.51
CA MET D 110 -15.15 -1.13 2.77
C MET D 110 -16.53 -1.22 3.41
N ILE D 111 -17.48 -1.79 2.68
CA ILE D 111 -18.85 -2.00 3.14
C ILE D 111 -19.01 -3.31 3.93
N LEU D 112 -19.36 -3.17 5.21
CA LEU D 112 -19.69 -4.31 6.04
C LEU D 112 -21.17 -4.66 5.84
N ASP D 113 -21.43 -5.91 5.44
CA ASP D 113 -22.81 -6.41 5.32
C ASP D 113 -23.42 -6.71 6.70
N ASP D 114 -24.70 -6.35 6.86
CA ASP D 114 -25.38 -6.51 8.15
C ASP D 114 -26.31 -7.75 8.25
N ASP D 115 -26.74 -8.26 7.10
CA ASP D 115 -27.64 -9.39 7.01
C ASP D 115 -26.96 -10.71 7.31
#